data_5HA7
#
_entry.id   5HA7
#
_cell.length_a   83.306
_cell.length_b   85.917
_cell.length_c   104.370
_cell.angle_alpha   90.000
_cell.angle_beta   90.000
_cell.angle_gamma   90.000
#
_symmetry.space_group_name_H-M   'P 21 21 21'
#
loop_
_entity.id
_entity.type
_entity.pdbx_description
1 polymer 'Aldose reductase'
2 non-polymer 'NADP NICOTINAMIDE-ADENINE-DINUCLEOTIDE PHOSPHATE'
3 non-polymer '2-({4-CHLORO-6-[(2,3-DIMETHYLPHENYL)AMINO]PYRIMIDIN-2-YL}SULFANYL)ACETIC ACID'
4 non-polymer 'SULFATE ION'
5 water water
#
_entity_poly.entity_id   1
_entity_poly.type   'polypeptide(L)'
_entity_poly.pdbx_seq_one_letter_code
;MASRILLNNGAKMPILGLGTWKSPPGQVTEAVKVAIDVGYRHIDCAHVYQNENEVGVAIQEKLREQVVKREELFIVSKLW
CTYHEKGLVKGACQKTLSDLKLDYLDLYLIHWPTGFKPGKEFFPLDESGNVVPSDTNILDTWAAMEELVDEGLVKAIGIS
NFNHLQVEMILNKPGLKYKPAVNQIECHPYLTQEKLIQYCQSKGIVVTAYSPLGSPDRPWAKPEDPSLLEDPRIKAIAAK
HNKTTAQVLIRFPMQRNLVVIPKSVTPERIAENFKVFDFELSSQDMTTLLSYNRNWRVCALLSCTSHKDYPFHEEF
;
_entity_poly.pdbx_strand_id   A,B
#
# COMPACT_ATOMS: atom_id res chain seq x y z
N MET A 1 15.15 24.36 18.79
CA MET A 1 13.90 23.71 18.26
C MET A 1 13.04 23.12 19.39
N ALA A 2 11.97 23.82 19.75
CA ALA A 2 10.99 23.28 20.70
C ALA A 2 10.35 22.07 20.03
N SER A 3 9.97 21.07 20.82
CA SER A 3 9.38 19.87 20.22
C SER A 3 7.87 20.04 20.02
N ARG A 4 7.28 21.12 20.55
CA ARG A 4 5.84 21.40 20.46
C ARG A 4 5.55 22.82 20.05
N ILE A 5 4.36 23.05 19.48
CA ILE A 5 3.95 24.37 19.11
C ILE A 5 2.63 24.69 19.77
N LEU A 6 2.52 25.92 20.28
CA LEU A 6 1.34 26.34 20.96
C LEU A 6 0.21 26.62 19.98
N LEU A 7 -0.94 26.02 20.22
CA LEU A 7 -2.17 26.30 19.45
C LEU A 7 -3.00 27.41 20.07
N ASN A 8 -3.92 27.97 19.27
CA ASN A 8 -4.77 29.03 19.73
C ASN A 8 -5.84 28.59 20.74
N ASN A 9 -5.87 27.29 21.09
CA ASN A 9 -6.75 26.79 22.18
C ASN A 9 -5.99 26.64 23.51
N GLY A 10 -4.71 26.99 23.54
CA GLY A 10 -3.88 26.78 24.76
C GLY A 10 -3.12 25.47 24.84
N ALA A 11 -3.44 24.50 23.97
CA ALA A 11 -2.75 23.19 23.97
C ALA A 11 -1.46 23.23 23.16
N LYS A 12 -0.52 22.34 23.47
CA LYS A 12 0.75 22.25 22.77
C LYS A 12 0.75 21.03 21.87
N MET A 13 1.03 21.25 20.59
CA MET A 13 0.97 20.18 19.57
C MET A 13 2.35 19.75 19.23
N PRO A 14 2.66 18.46 19.31
CA PRO A 14 4.03 18.03 18.96
C PRO A 14 4.33 18.33 17.47
N ILE A 15 5.50 18.87 17.17
CA ILE A 15 5.84 19.26 15.80
C ILE A 15 6.13 18.11 14.83
N LEU A 16 6.39 16.92 15.38
CA LEU A 16 6.60 15.72 14.56
C LEU A 16 5.50 14.72 14.91
N GLY A 17 4.76 14.26 13.90
CA GLY A 17 3.78 13.22 14.08
C GLY A 17 3.96 12.10 13.07
N LEU A 18 3.31 10.97 13.31
CA LEU A 18 3.35 9.85 12.39
C LEU A 18 2.12 9.90 11.51
N GLY A 19 2.35 9.97 10.22
CA GLY A 19 1.23 9.79 9.25
C GLY A 19 0.80 8.34 9.07
N THR A 20 -0.46 8.15 8.65
CA THR A 20 -1.05 6.82 8.57
C THR A 20 -1.91 6.59 7.29
N TRP A 21 -1.83 7.46 6.33
CA TRP A 21 -2.51 7.22 5.03
C TRP A 21 -1.68 6.21 4.29
N LYS A 22 -2.34 5.16 3.80
CA LYS A 22 -1.74 4.03 3.08
C LYS A 22 -0.97 3.09 4.02
N SER A 23 -1.20 3.18 5.33
CA SER A 23 -0.64 2.20 6.27
C SER A 23 -1.64 1.07 6.41
N PRO A 24 -1.34 -0.11 5.84
CA PRO A 24 -2.38 -1.15 5.78
C PRO A 24 -2.75 -1.62 7.18
N PRO A 25 -3.95 -2.05 7.39
CA PRO A 25 -4.41 -2.44 8.75
C PRO A 25 -3.51 -3.44 9.46
N GLY A 26 -2.99 -4.42 8.74
CA GLY A 26 -2.06 -5.40 9.34
C GLY A 26 -0.66 -4.93 9.67
N GLN A 27 -0.32 -3.73 9.24
CA GLN A 27 1.00 -3.12 9.51
C GLN A 27 0.91 -1.92 10.44
N VAL A 28 -0.21 -1.22 10.46
CA VAL A 28 -0.23 0.08 11.17
C VAL A 28 -0.18 -0.08 12.70
N THR A 29 -0.63 -1.19 13.25
CA THR A 29 -0.59 -1.39 14.71
C THR A 29 0.85 -1.41 15.17
N GLU A 30 1.64 -2.24 14.53
CA GLU A 30 3.08 -2.27 14.84
C GLU A 30 3.75 -0.92 14.56
N ALA A 31 3.39 -0.25 13.47
CA ALA A 31 3.96 1.06 13.17
C ALA A 31 3.75 2.08 14.31
N VAL A 32 2.51 2.18 14.78
CA VAL A 32 2.20 3.15 15.84
C VAL A 32 2.90 2.76 17.16
N LYS A 33 2.93 1.46 17.46
CA LYS A 33 3.63 0.96 18.68
C LYS A 33 5.11 1.32 18.60
N VAL A 34 5.74 1.09 17.45
CA VAL A 34 7.18 1.48 17.29
C VAL A 34 7.33 2.98 17.42
N ALA A 35 6.43 3.73 16.81
CA ALA A 35 6.51 5.16 16.87
C ALA A 35 6.44 5.70 18.31
N ILE A 36 5.50 5.19 19.09
CA ILE A 36 5.35 5.65 20.46
C ILE A 36 6.62 5.27 21.24
N ASP A 37 7.12 4.05 21.02
CA ASP A 37 8.37 3.59 21.73
C ASP A 37 9.55 4.48 21.41
N VAL A 38 9.67 4.86 20.15
CA VAL A 38 10.78 5.75 19.67
C VAL A 38 10.67 7.15 20.26
N GLY A 39 9.46 7.63 20.52
CA GLY A 39 9.23 8.97 21.08
C GLY A 39 8.19 9.84 20.40
N TYR A 40 7.54 9.34 19.34
CA TYR A 40 6.48 10.13 18.73
C TYR A 40 5.37 10.27 19.73
N ARG A 41 4.75 11.47 19.76
CA ARG A 41 3.64 11.73 20.65
C ARG A 41 2.42 12.30 19.88
N HIS A 42 2.48 12.21 18.56
CA HIS A 42 1.41 12.75 17.70
C HIS A 42 1.17 11.73 16.59
N ILE A 43 -0.11 11.38 16.34
CA ILE A 43 -0.44 10.45 15.29
C ILE A 43 -1.50 11.15 14.46
N ASP A 44 -1.29 11.19 13.15
CA ASP A 44 -2.30 11.79 12.24
C ASP A 44 -3.10 10.67 11.62
N CYS A 45 -4.45 10.71 11.80
CA CYS A 45 -5.34 9.66 11.44
C CYS A 45 -6.47 10.25 10.59
N ALA A 46 -7.23 9.36 9.99
CA ALA A 46 -8.44 9.78 9.26
C ALA A 46 -9.37 8.59 9.08
N HIS A 47 -10.67 8.84 9.12
CA HIS A 47 -11.65 7.81 8.86
C HIS A 47 -11.41 7.18 7.48
N VAL A 48 -11.14 8.01 6.48
CA VAL A 48 -10.93 7.54 5.10
C VAL A 48 -9.71 6.64 4.92
N TYR A 49 -8.76 6.70 5.88
CA TYR A 49 -7.60 5.83 5.80
C TYR A 49 -7.92 4.36 6.15
N GLN A 50 -9.10 4.12 6.76
CA GLN A 50 -9.66 2.78 6.86
CA GLN A 50 -9.70 2.82 6.99
C GLN A 50 -8.81 1.88 7.76
N ASN A 51 -8.12 2.47 8.72
CA ASN A 51 -7.22 1.78 9.63
C ASN A 51 -7.29 2.28 11.08
N GLU A 52 -8.30 3.09 11.41
CA GLU A 52 -8.37 3.71 12.73
C GLU A 52 -8.54 2.69 13.83
N ASN A 53 -9.22 1.58 13.55
CA ASN A 53 -9.33 0.49 14.56
C ASN A 53 -7.93 -0.01 14.99
N GLU A 54 -7.07 -0.20 14.00
CA GLU A 54 -5.74 -0.73 14.25
C GLU A 54 -4.82 0.27 14.90
N VAL A 55 -4.99 1.55 14.58
CA VAL A 55 -4.31 2.61 15.29
C VAL A 55 -4.78 2.60 16.76
N GLY A 56 -6.09 2.46 16.94
CA GLY A 56 -6.68 2.37 18.31
C GLY A 56 -6.04 1.26 19.16
N VAL A 57 -5.90 0.07 18.54
CA VAL A 57 -5.32 -1.10 19.20
C VAL A 57 -3.93 -0.75 19.71
N ALA A 58 -3.12 -0.12 18.85
CA ALA A 58 -1.74 0.26 19.23
C ALA A 58 -1.70 1.26 20.36
N ILE A 59 -2.53 2.32 20.25
CA ILE A 59 -2.54 3.35 21.30
C ILE A 59 -2.89 2.70 22.64
N GLN A 60 -3.92 1.85 22.60
CA GLN A 60 -4.40 1.20 23.83
C GLN A 60 -3.35 0.27 24.45
N GLU A 61 -2.63 -0.45 23.62
CA GLU A 61 -1.53 -1.30 24.13
CA GLU A 61 -1.51 -1.29 24.11
C GLU A 61 -0.49 -0.45 24.85
N LYS A 62 -0.12 0.70 24.29
CA LYS A 62 0.92 1.51 24.89
C LYS A 62 0.42 2.21 26.14
N LEU A 63 -0.86 2.56 26.19
CA LEU A 63 -1.43 3.10 27.42
C LEU A 63 -1.44 2.05 28.53
N ARG A 64 -1.82 0.83 28.19
CA ARG A 64 -1.90 -0.28 29.16
C ARG A 64 -0.50 -0.70 29.63
N GLU A 65 0.45 -0.64 28.71
CA GLU A 65 1.88 -0.86 29.06
C GLU A 65 2.50 0.28 29.90
N GLN A 66 1.82 1.41 30.01
CA GLN A 66 2.29 2.58 30.69
C GLN A 66 3.55 3.20 30.08
N VAL A 67 3.68 3.07 28.76
CA VAL A 67 4.76 3.73 28.05
C VAL A 67 4.43 5.20 27.97
N VAL A 68 3.15 5.54 27.84
CA VAL A 68 2.68 6.94 27.77
C VAL A 68 1.38 7.00 28.49
N LYS A 69 1.00 8.22 28.91
CA LYS A 69 -0.34 8.51 29.39
C LYS A 69 -1.11 9.18 28.27
N ARG A 70 -2.42 9.08 28.31
CA ARG A 70 -3.25 9.64 27.28
C ARG A 70 -3.00 11.15 27.10
N GLU A 71 -2.82 11.86 28.20
CA GLU A 71 -2.60 13.31 28.13
C GLU A 71 -1.27 13.70 27.46
N GLU A 72 -0.35 12.75 27.33
CA GLU A 72 0.91 12.98 26.64
C GLU A 72 0.82 12.77 25.11
N LEU A 73 -0.28 12.21 24.61
CA LEU A 73 -0.46 11.95 23.19
C LEU A 73 -1.35 13.04 22.57
N PHE A 74 -1.11 13.27 21.29
CA PHE A 74 -1.86 14.28 20.54
C PHE A 74 -2.38 13.51 19.35
N ILE A 75 -3.67 13.17 19.35
CA ILE A 75 -4.23 12.36 18.32
C ILE A 75 -5.14 13.21 17.45
N VAL A 76 -4.88 13.19 16.16
CA VAL A 76 -5.63 13.96 15.14
C VAL A 76 -6.44 13.02 14.32
N SER A 77 -7.70 13.39 14.07
CA SER A 77 -8.40 12.74 12.98
C SER A 77 -9.16 13.77 12.14
N LYS A 78 -9.93 13.28 11.17
CA LYS A 78 -10.50 14.09 10.14
C LYS A 78 -11.87 13.59 9.74
N LEU A 79 -12.75 14.57 9.56
CA LEU A 79 -14.14 14.37 9.06
C LEU A 79 -14.11 14.16 7.55
N TRP A 80 -14.61 13.02 7.07
CA TRP A 80 -14.54 12.75 5.64
C TRP A 80 -15.65 13.52 4.86
N CYS A 81 -15.39 13.77 3.60
CA CYS A 81 -16.22 14.63 2.74
C CYS A 81 -17.64 14.20 2.64
N THR A 82 -17.94 12.91 2.84
CA THR A 82 -19.34 12.39 2.76
C THR A 82 -20.12 12.66 4.08
N TYR A 83 -19.49 13.29 5.09
CA TYR A 83 -20.09 13.59 6.38
C TYR A 83 -20.13 15.11 6.66
N HIS A 84 -20.14 15.94 5.61
CA HIS A 84 -20.26 17.39 5.80
C HIS A 84 -21.63 17.87 6.27
N GLU A 85 -22.69 17.11 5.93
CA GLU A 85 -24.04 17.51 6.35
C GLU A 85 -24.03 17.71 7.87
N LYS A 86 -24.52 18.88 8.32
CA LYS A 86 -24.51 19.27 9.73
C LYS A 86 -24.89 18.11 10.70
N GLY A 87 -25.99 17.43 10.40
CA GLY A 87 -26.48 16.33 11.22
C GLY A 87 -25.71 15.02 11.19
N LEU A 88 -24.70 14.91 10.31
CA LEU A 88 -23.86 13.72 10.25
C LEU A 88 -22.53 13.89 10.94
N VAL A 89 -22.15 15.12 11.25
CA VAL A 89 -20.76 15.37 11.75
C VAL A 89 -20.52 14.64 13.09
N LYS A 90 -21.45 14.78 14.00
CA LYS A 90 -21.26 14.15 15.31
C LYS A 90 -21.11 12.64 15.21
N GLY A 91 -21.98 11.98 14.43
CA GLY A 91 -21.88 10.56 14.21
C GLY A 91 -20.52 10.11 13.67
N ALA A 92 -20.01 10.87 12.69
CA ALA A 92 -18.72 10.61 12.13
C ALA A 92 -17.64 10.74 13.18
N CYS A 93 -17.72 11.77 14.00
CA CYS A 93 -16.69 11.96 15.03
C CYS A 93 -16.76 10.78 16.02
N GLN A 94 -17.97 10.38 16.34
CA GLN A 94 -18.16 9.26 17.30
C GLN A 94 -17.70 7.92 16.76
N LYS A 95 -17.84 7.72 15.46
CA LYS A 95 -17.32 6.46 14.87
C LYS A 95 -15.79 6.44 14.96
N THR A 96 -15.17 7.57 14.63
CA THR A 96 -13.71 7.71 14.78
C THR A 96 -13.22 7.51 16.21
N LEU A 97 -13.92 8.12 17.19
CA LEU A 97 -13.55 7.93 18.61
C LEU A 97 -13.67 6.45 18.98
N SER A 98 -14.75 5.83 18.53
CA SER A 98 -14.96 4.39 18.82
C SER A 98 -13.88 3.51 18.22
N ASP A 99 -13.49 3.79 16.98
CA ASP A 99 -12.44 3.03 16.29
C ASP A 99 -11.08 3.24 16.99
N LEU A 100 -10.82 4.48 17.35
CA LEU A 100 -9.54 4.81 18.01
C LEU A 100 -9.54 4.43 19.49
N LYS A 101 -10.69 4.07 20.03
CA LYS A 101 -10.90 3.67 21.46
C LYS A 101 -10.63 4.81 22.42
N LEU A 102 -10.91 6.04 21.96
CA LEU A 102 -10.60 7.24 22.75
C LEU A 102 -11.86 7.94 23.21
N ASP A 103 -11.76 8.66 24.33
CA ASP A 103 -12.86 9.50 24.83
C ASP A 103 -12.89 10.90 24.24
N TYR A 104 -11.76 11.36 23.74
CA TYR A 104 -11.63 12.62 23.05
C TYR A 104 -10.51 12.57 21.98
N LEU A 105 -10.63 13.47 21.01
CA LEU A 105 -9.51 13.79 20.08
C LEU A 105 -8.82 15.09 20.47
N ASP A 106 -7.51 15.18 20.27
CA ASP A 106 -6.82 16.44 20.45
C ASP A 106 -7.13 17.50 19.40
N LEU A 107 -7.40 17.01 18.18
CA LEU A 107 -7.66 17.88 17.02
C LEU A 107 -8.52 17.11 16.03
N TYR A 108 -9.58 17.73 15.56
CA TYR A 108 -10.46 17.12 14.56
C TYR A 108 -10.56 18.11 13.41
N LEU A 109 -10.21 17.66 12.20
CA LEU A 109 -10.12 18.51 11.00
C LEU A 109 -11.23 18.23 9.98
N ILE A 110 -11.69 19.27 9.30
CA ILE A 110 -12.49 19.08 8.11
C ILE A 110 -11.46 18.65 7.03
N HIS A 111 -11.56 17.42 6.54
CA HIS A 111 -10.49 16.82 5.70
C HIS A 111 -10.27 17.56 4.38
N TRP A 112 -11.36 17.92 3.72
CA TRP A 112 -11.35 18.77 2.55
C TRP A 112 -12.54 19.73 2.57
N PRO A 113 -12.42 20.87 1.89
CA PRO A 113 -13.55 21.82 1.93
C PRO A 113 -14.74 21.38 1.11
N THR A 114 -14.54 20.34 0.32
CA THR A 114 -15.56 19.85 -0.61
C THR A 114 -16.45 18.82 0.04
N GLY A 115 -17.76 19.08 0.12
CA GLY A 115 -18.72 18.08 0.62
C GLY A 115 -19.13 17.12 -0.49
N PHE A 116 -19.22 15.82 -0.19
CA PHE A 116 -19.59 14.77 -1.17
C PHE A 116 -20.92 14.19 -0.73
N LYS A 117 -21.67 13.66 -1.69
CA LYS A 117 -22.93 12.99 -1.38
C LYS A 117 -22.75 11.91 -0.31
N PRO A 118 -23.57 11.93 0.78
CA PRO A 118 -23.49 10.84 1.75
C PRO A 118 -23.85 9.47 1.22
N GLY A 119 -23.28 8.47 1.87
CA GLY A 119 -23.52 7.09 1.49
C GLY A 119 -22.30 6.25 1.74
N LYS A 120 -22.34 5.04 1.21
CA LYS A 120 -21.29 4.06 1.49
C LYS A 120 -19.96 4.35 0.79
N GLU A 121 -20.00 4.97 -0.39
CA GLU A 121 -18.81 5.22 -1.21
C GLU A 121 -18.09 6.42 -0.62
N PHE A 122 -16.78 6.28 -0.38
CA PHE A 122 -15.99 7.43 -0.02
C PHE A 122 -15.93 8.49 -1.12
N PHE A 123 -15.87 8.07 -2.39
CA PHE A 123 -15.73 9.00 -3.50
C PHE A 123 -16.88 8.73 -4.49
N PRO A 124 -18.06 9.22 -4.18
CA PRO A 124 -19.24 8.92 -5.07
C PRO A 124 -19.09 9.65 -6.40
N LEU A 125 -19.00 8.89 -7.50
CA LEU A 125 -18.66 9.45 -8.82
C LEU A 125 -19.88 9.48 -9.72
N ASP A 126 -19.97 10.50 -10.58
CA ASP A 126 -20.99 10.48 -11.70
C ASP A 126 -20.40 9.76 -12.92
N GLU A 127 -21.17 9.67 -14.00
CA GLU A 127 -20.76 8.95 -15.20
C GLU A 127 -19.49 9.54 -15.83
N SER A 128 -19.30 10.87 -15.74
CA SER A 128 -18.07 11.55 -16.21
C SER A 128 -16.82 11.35 -15.33
N GLY A 129 -16.94 10.69 -14.17
CA GLY A 129 -15.79 10.50 -13.25
C GLY A 129 -15.57 11.63 -12.24
N ASN A 130 -16.49 12.60 -12.22
CA ASN A 130 -16.45 13.70 -11.27
C ASN A 130 -17.26 13.33 -10.02
N VAL A 131 -16.81 13.84 -8.87
CA VAL A 131 -17.48 13.50 -7.63
C VAL A 131 -18.86 14.14 -7.62
N VAL A 132 -19.82 13.43 -7.03
CA VAL A 132 -21.16 13.97 -6.76
C VAL A 132 -21.11 14.79 -5.49
N PRO A 133 -21.36 16.11 -5.59
CA PRO A 133 -21.32 16.93 -4.37
C PRO A 133 -22.53 16.71 -3.47
N SER A 134 -22.38 17.08 -2.21
CA SER A 134 -23.48 17.22 -1.28
C SER A 134 -23.98 18.67 -1.30
N ASP A 135 -25.23 18.84 -0.92
CA ASP A 135 -25.81 20.17 -0.76
C ASP A 135 -25.43 20.74 0.60
N THR A 136 -24.15 21.09 0.75
CA THR A 136 -23.60 21.53 2.01
C THR A 136 -22.75 22.74 1.77
N ASN A 137 -22.53 23.52 2.82
CA ASN A 137 -21.50 24.52 2.71
C ASN A 137 -20.56 24.48 3.90
N ILE A 138 -19.43 25.13 3.70
CA ILE A 138 -18.34 25.07 4.63
C ILE A 138 -18.79 25.61 6.02
N LEU A 139 -19.64 26.65 6.03
CA LEU A 139 -19.93 27.34 7.30
C LEU A 139 -20.84 26.55 8.22
N ASP A 140 -21.82 25.85 7.65
CA ASP A 140 -22.66 24.99 8.42
C ASP A 140 -21.88 23.80 8.97
N THR A 141 -20.99 23.24 8.14
CA THR A 141 -20.15 22.15 8.62
C THR A 141 -19.28 22.64 9.79
N TRP A 142 -18.75 23.84 9.68
CA TRP A 142 -17.92 24.41 10.78
C TRP A 142 -18.75 24.54 12.06
N ALA A 143 -19.99 24.99 11.94
CA ALA A 143 -20.83 25.12 13.14
C ALA A 143 -21.07 23.76 13.83
N ALA A 144 -21.20 22.67 13.06
CA ALA A 144 -21.34 21.35 13.60
C ALA A 144 -20.01 20.90 14.29
N MET A 145 -18.88 21.22 13.68
CA MET A 145 -17.57 20.98 14.30
C MET A 145 -17.47 21.71 15.66
N GLU A 146 -17.86 22.97 15.72
CA GLU A 146 -17.85 23.71 16.96
C GLU A 146 -18.65 23.02 18.09
N GLU A 147 -19.77 22.41 17.76
CA GLU A 147 -20.58 21.67 18.77
C GLU A 147 -19.77 20.52 19.42
N LEU A 148 -18.83 19.93 18.65
CA LEU A 148 -17.99 18.87 19.19
C LEU A 148 -17.06 19.38 20.24
N VAL A 149 -16.60 20.63 20.10
CA VAL A 149 -15.77 21.26 21.09
C VAL A 149 -16.63 21.54 22.32
N ASP A 150 -17.83 22.07 22.11
CA ASP A 150 -18.76 22.36 23.23
C ASP A 150 -19.08 21.14 24.06
N GLU A 151 -19.17 19.98 23.41
CA GLU A 151 -19.47 18.73 24.09
C GLU A 151 -18.27 18.04 24.68
N GLY A 152 -17.07 18.54 24.41
CA GLY A 152 -15.85 17.98 24.99
C GLY A 152 -15.31 16.79 24.24
N LEU A 153 -15.87 16.49 23.08
CA LEU A 153 -15.41 15.33 22.29
C LEU A 153 -14.07 15.60 21.60
N VAL A 154 -13.79 16.85 21.29
CA VAL A 154 -12.55 17.25 20.69
C VAL A 154 -12.03 18.52 21.37
N LYS A 155 -10.74 18.58 21.55
CA LYS A 155 -10.10 19.71 22.22
C LYS A 155 -9.90 20.91 21.32
N ALA A 156 -9.75 20.65 20.02
CA ALA A 156 -9.49 21.70 19.02
C ALA A 156 -10.09 21.23 17.73
N ILE A 157 -10.53 22.18 16.91
CA ILE A 157 -10.95 21.89 15.57
C ILE A 157 -10.16 22.68 14.53
N GLY A 158 -10.08 22.13 13.32
CA GLY A 158 -9.34 22.75 12.26
C GLY A 158 -9.76 22.28 10.90
N ILE A 159 -8.94 22.65 9.91
CA ILE A 159 -9.27 22.43 8.51
C ILE A 159 -8.06 21.83 7.82
N SER A 160 -8.31 21.33 6.63
CA SER A 160 -7.24 20.74 5.82
C SER A 160 -7.56 20.98 4.36
N ASN A 161 -6.55 21.37 3.59
CA ASN A 161 -6.72 21.67 2.15
C ASN A 161 -7.63 22.86 1.90
N PHE A 162 -7.68 23.82 2.83
CA PHE A 162 -8.46 25.04 2.64
C PHE A 162 -7.54 26.11 2.09
N ASN A 163 -8.04 26.82 1.11
CA ASN A 163 -7.31 27.99 0.56
C ASN A 163 -7.58 29.20 1.48
N HIS A 164 -6.85 30.29 1.29
CA HIS A 164 -6.94 31.42 2.24
C HIS A 164 -8.33 32.08 2.24
N LEU A 165 -9.03 32.05 1.11
CA LEU A 165 -10.40 32.59 1.08
C LEU A 165 -11.37 31.77 1.93
N GLN A 166 -11.16 30.47 1.91
CA GLN A 166 -11.96 29.54 2.69
C GLN A 166 -11.65 29.63 4.16
N VAL A 167 -10.38 29.80 4.52
CA VAL A 167 -10.10 30.10 5.88
C VAL A 167 -10.75 31.43 6.28
N GLU A 168 -10.63 32.45 5.44
CA GLU A 168 -11.20 33.79 5.72
C GLU A 168 -12.72 33.69 5.91
N MET A 169 -13.38 32.81 5.15
CA MET A 169 -14.83 32.62 5.31
C MET A 169 -15.22 32.15 6.73
N ILE A 170 -14.43 31.23 7.27
CA ILE A 170 -14.62 30.77 8.64
C ILE A 170 -14.32 31.91 9.64
N LEU A 171 -13.17 32.58 9.46
CA LEU A 171 -12.75 33.61 10.42
C LEU A 171 -13.74 34.75 10.49
N ASN A 172 -14.43 35.01 9.38
CA ASN A 172 -15.43 36.08 9.32
C ASN A 172 -16.86 35.59 9.49
N LYS A 173 -17.04 34.32 9.84
CA LYS A 173 -18.40 33.77 10.00
C LYS A 173 -19.17 34.50 11.12
N PRO A 174 -20.41 34.96 10.86
CA PRO A 174 -21.22 35.51 11.93
C PRO A 174 -21.51 34.46 12.98
N GLY A 175 -21.27 34.84 14.23
CA GLY A 175 -21.51 33.96 15.35
C GLY A 175 -20.44 32.88 15.52
N LEU A 176 -19.28 33.08 14.90
CA LEU A 176 -18.16 32.17 15.10
C LEU A 176 -17.94 31.93 16.58
N LYS A 177 -17.84 30.66 16.97
CA LYS A 177 -17.52 30.32 18.33
C LYS A 177 -16.03 29.94 18.52
N TYR A 178 -15.46 29.15 17.58
CA TYR A 178 -14.04 28.73 17.71
C TYR A 178 -13.30 28.92 16.39
N LYS A 179 -12.11 29.52 16.44
CA LYS A 179 -11.31 29.70 15.24
C LYS A 179 -10.63 28.36 14.94
N PRO A 180 -10.31 28.11 13.67
CA PRO A 180 -9.54 26.90 13.40
C PRO A 180 -8.18 26.99 14.05
N ALA A 181 -7.74 25.89 14.61
CA ALA A 181 -6.41 25.89 15.24
C ALA A 181 -5.29 25.59 14.30
N VAL A 182 -5.60 24.77 13.29
CA VAL A 182 -4.66 24.20 12.33
C VAL A 182 -5.27 24.18 10.93
N ASN A 183 -4.42 24.44 9.92
CA ASN A 183 -4.72 24.15 8.55
C ASN A 183 -3.64 23.14 8.11
N GLN A 184 -4.08 21.93 7.77
CA GLN A 184 -3.18 20.89 7.34
C GLN A 184 -3.14 20.88 5.80
N ILE A 185 -1.97 21.17 5.27
CA ILE A 185 -1.81 21.32 3.82
C ILE A 185 -0.60 20.56 3.30
N GLU A 186 -0.61 20.28 2.01
CA GLU A 186 0.52 19.60 1.37
C GLU A 186 1.70 20.58 1.37
N CYS A 187 2.88 20.15 1.79
CA CYS A 187 3.99 21.09 1.78
C CYS A 187 5.31 20.36 1.75
N HIS A 188 6.19 20.75 0.83
CA HIS A 188 7.50 20.10 0.61
C HIS A 188 8.29 21.00 -0.37
N PRO A 189 9.57 20.72 -0.62
CA PRO A 189 10.32 21.63 -1.53
C PRO A 189 9.77 21.85 -2.91
N TYR A 190 8.92 20.97 -3.42
CA TYR A 190 8.24 21.19 -4.69
C TYR A 190 6.92 21.94 -4.64
N LEU A 191 6.45 22.23 -3.41
CA LEU A 191 5.17 22.92 -3.22
C LEU A 191 5.34 23.63 -1.87
N THR A 192 6.00 24.78 -1.91
CA THR A 192 6.56 25.36 -0.68
C THR A 192 5.53 26.20 0.09
N GLN A 193 4.42 26.58 -0.53
CA GLN A 193 3.27 27.16 0.15
C GLN A 193 3.56 28.48 0.88
N GLU A 194 4.47 29.30 0.35
CA GLU A 194 4.88 30.52 1.03
C GLU A 194 3.74 31.45 1.39
N LYS A 195 2.85 31.70 0.43
CA LYS A 195 1.78 32.64 0.70
C LYS A 195 0.75 32.11 1.69
N LEU A 196 0.40 30.83 1.59
CA LEU A 196 -0.62 30.29 2.47
C LEU A 196 -0.07 30.13 3.88
N ILE A 197 1.18 29.75 3.99
CA ILE A 197 1.81 29.70 5.29
C ILE A 197 1.88 31.09 5.95
N GLN A 198 2.32 32.08 5.19
CA GLN A 198 2.33 33.45 5.69
C GLN A 198 0.98 33.88 6.20
N TYR A 199 -0.05 33.62 5.40
CA TYR A 199 -1.40 33.94 5.74
C TYR A 199 -1.84 33.26 7.02
N CYS A 200 -1.67 31.94 7.09
CA CYS A 200 -2.09 31.21 8.26
C CYS A 200 -1.36 31.64 9.51
N GLN A 201 -0.05 31.75 9.44
CA GLN A 201 0.71 32.12 10.60
C GLN A 201 0.35 33.54 11.09
N SER A 202 0.05 34.45 10.16
CA SER A 202 -0.43 35.80 10.51
C SER A 202 -1.78 35.80 11.25
N LYS A 203 -2.60 34.75 11.09
CA LYS A 203 -3.88 34.58 11.78
C LYS A 203 -3.80 33.70 13.03
N GLY A 204 -2.59 33.30 13.43
CA GLY A 204 -2.44 32.47 14.58
C GLY A 204 -2.81 31.01 14.35
N ILE A 205 -2.91 30.61 13.07
CA ILE A 205 -3.30 29.26 12.68
C ILE A 205 -2.00 28.46 12.42
N VAL A 206 -1.86 27.33 13.11
CA VAL A 206 -0.68 26.48 12.93
C VAL A 206 -0.85 25.66 11.65
N VAL A 207 0.20 25.63 10.85
CA VAL A 207 0.21 24.81 9.64
C VAL A 207 0.88 23.47 9.86
N THR A 208 0.21 22.42 9.42
CA THR A 208 0.80 21.08 9.37
C THR A 208 1.09 20.71 7.91
N ALA A 209 2.32 20.31 7.67
CA ALA A 209 2.83 19.90 6.34
C ALA A 209 2.62 18.41 6.16
N TYR A 210 1.76 18.05 5.22
CA TYR A 210 1.62 16.65 4.79
C TYR A 210 2.41 16.32 3.52
N SER A 211 2.55 15.00 3.26
CA SER A 211 3.34 14.50 2.17
C SER A 211 4.73 15.13 2.12
N PRO A 212 5.42 15.21 3.27
CA PRO A 212 6.68 15.92 3.28
C PRO A 212 7.78 15.24 2.48
N LEU A 213 7.63 13.93 2.21
CA LEU A 213 8.62 13.20 1.41
C LEU A 213 8.14 13.08 -0.04
N GLY A 214 7.01 13.72 -0.39
CA GLY A 214 6.48 13.62 -1.70
C GLY A 214 5.64 12.39 -1.98
N SER A 215 5.21 11.71 -0.92
CA SER A 215 4.27 10.62 -1.03
C SER A 215 4.66 9.61 -2.14
N PRO A 216 5.87 8.99 -2.02
CA PRO A 216 6.28 8.09 -3.12
C PRO A 216 5.35 6.86 -3.29
N ASP A 217 4.53 6.51 -2.28
CA ASP A 217 3.59 5.41 -2.33
C ASP A 217 2.21 5.83 -2.83
N ARG A 218 2.05 7.07 -3.22
CA ARG A 218 0.69 7.48 -3.64
C ARG A 218 0.26 6.59 -4.83
N PRO A 219 -1.04 6.23 -4.90
CA PRO A 219 -1.36 5.14 -5.85
C PRO A 219 -1.34 5.59 -7.34
N TRP A 220 -1.41 6.91 -7.57
CA TRP A 220 -1.49 7.50 -8.90
C TRP A 220 -0.16 8.00 -9.43
N ALA A 221 0.94 7.65 -8.76
CA ALA A 221 2.21 8.11 -9.21
C ALA A 221 2.52 7.66 -10.61
N LYS A 222 3.18 8.54 -11.37
CA LYS A 222 3.55 8.28 -12.77
C LYS A 222 5.07 8.37 -12.92
N PRO A 223 5.65 7.60 -13.86
CA PRO A 223 7.13 7.62 -13.98
C PRO A 223 7.75 8.96 -14.27
N GLU A 224 7.00 9.83 -14.92
CA GLU A 224 7.53 11.17 -15.26
C GLU A 224 7.46 12.17 -14.08
N ASP A 225 6.86 11.77 -12.95
CA ASP A 225 6.66 12.67 -11.84
C ASP A 225 7.98 12.97 -11.16
N PRO A 226 8.10 14.16 -10.55
CA PRO A 226 9.33 14.46 -9.80
C PRO A 226 9.44 13.61 -8.54
N SER A 227 10.67 13.34 -8.06
CA SER A 227 10.81 12.48 -6.88
C SER A 227 11.75 13.16 -5.89
N LEU A 228 11.21 13.69 -4.78
CA LEU A 228 12.06 14.37 -3.80
C LEU A 228 13.12 13.51 -3.24
N LEU A 229 12.76 12.28 -2.90
CA LEU A 229 13.72 11.40 -2.31
C LEU A 229 14.89 11.02 -3.21
N GLU A 230 14.68 11.11 -4.52
CA GLU A 230 15.73 10.84 -5.53
C GLU A 230 16.44 12.09 -6.04
N ASP A 231 16.00 13.28 -5.60
CA ASP A 231 16.53 14.54 -6.11
C ASP A 231 18.00 14.69 -5.68
N PRO A 232 18.95 14.67 -6.65
CA PRO A 232 20.37 14.75 -6.26
C PRO A 232 20.77 16.03 -5.50
N ARG A 233 20.02 17.09 -5.69
CA ARG A 233 20.28 18.34 -4.98
C ARG A 233 19.98 18.25 -3.48
N ILE A 234 18.92 17.50 -3.16
CA ILE A 234 18.51 17.27 -1.78
C ILE A 234 19.41 16.23 -1.15
N LYS A 235 19.75 15.17 -1.90
CA LYS A 235 20.74 14.21 -1.40
C LYS A 235 22.08 14.89 -1.01
N ALA A 236 22.48 15.91 -1.77
CA ALA A 236 23.75 16.61 -1.48
C ALA A 236 23.64 17.42 -0.17
N ILE A 237 22.46 18.00 0.09
CA ILE A 237 22.23 18.68 1.37
C ILE A 237 22.27 17.68 2.52
N ALA A 238 21.66 16.52 2.32
CA ALA A 238 21.68 15.45 3.32
C ALA A 238 23.12 14.99 3.57
N ALA A 239 23.88 14.83 2.50
CA ALA A 239 25.27 14.32 2.61
C ALA A 239 26.12 15.28 3.44
N LYS A 240 25.95 16.58 3.20
CA LYS A 240 26.61 17.65 3.95
C LYS A 240 26.33 17.59 5.45
N HIS A 241 25.12 17.19 5.83
CA HIS A 241 24.73 17.07 7.22
C HIS A 241 24.75 15.67 7.78
N ASN A 242 25.32 14.71 7.03
CA ASN A 242 25.48 13.32 7.49
C ASN A 242 24.13 12.79 7.93
N LYS A 243 23.10 13.20 7.18
CA LYS A 243 21.73 12.74 7.41
C LYS A 243 21.20 12.11 6.12
N THR A 244 20.01 11.51 6.20
CA THR A 244 19.38 11.01 5.00
C THR A 244 18.50 12.09 4.35
N THR A 245 18.19 11.86 3.09
CA THR A 245 17.33 12.75 2.34
C THR A 245 15.98 12.95 3.06
N ALA A 246 15.43 11.86 3.60
CA ALA A 246 14.16 11.92 4.34
C ALA A 246 14.27 12.80 5.55
N GLN A 247 15.40 12.70 6.28
CA GLN A 247 15.59 13.53 7.44
C GLN A 247 15.72 15.01 7.13
N VAL A 248 16.35 15.35 6.02
CA VAL A 248 16.38 16.71 5.51
C VAL A 248 14.97 17.18 5.21
N LEU A 249 14.22 16.32 4.56
CA LEU A 249 12.83 16.69 4.17
C LEU A 249 11.89 16.89 5.37
N ILE A 250 12.14 16.20 6.45
CA ILE A 250 11.38 16.36 7.68
C ILE A 250 11.82 17.61 8.46
N ARG A 251 13.13 17.85 8.54
CA ARG A 251 13.65 19.00 9.23
C ARG A 251 13.26 20.34 8.59
N PHE A 252 13.17 20.34 7.26
CA PHE A 252 12.84 21.54 6.46
C PHE A 252 11.58 22.26 6.97
N PRO A 253 10.41 21.56 7.01
CA PRO A 253 9.24 22.25 7.56
C PRO A 253 9.33 22.60 9.03
N MET A 254 10.08 21.82 9.81
CA MET A 254 10.25 22.15 11.22
C MET A 254 10.86 23.54 11.42
N GLN A 255 11.82 23.90 10.59
CA GLN A 255 12.48 25.20 10.69
C GLN A 255 11.68 26.35 10.12
N ARG A 256 10.53 26.05 9.51
CA ARG A 256 9.55 27.04 9.12
C ARG A 256 8.42 27.19 10.12
N ASN A 257 8.57 26.62 11.32
CA ASN A 257 7.55 26.64 12.38
C ASN A 257 6.26 25.94 11.99
N LEU A 258 6.45 24.87 11.19
CA LEU A 258 5.37 23.97 10.82
C LEU A 258 5.46 22.67 11.62
N VAL A 259 4.33 22.01 11.69
CA VAL A 259 4.20 20.67 12.16
C VAL A 259 4.40 19.79 10.91
N VAL A 260 4.97 18.61 11.09
CA VAL A 260 5.19 17.69 9.97
C VAL A 260 4.87 16.26 10.35
N ILE A 261 4.28 15.52 9.40
CA ILE A 261 3.71 14.21 9.65
C ILE A 261 4.15 13.14 8.64
N PRO A 262 5.44 12.81 8.59
CA PRO A 262 5.90 11.77 7.68
C PRO A 262 5.29 10.42 8.01
N LYS A 263 4.93 9.67 6.97
CA LYS A 263 4.32 8.34 7.15
C LYS A 263 5.33 7.25 6.86
N SER A 264 5.34 6.26 7.75
CA SER A 264 5.95 5.00 7.45
C SER A 264 5.32 3.88 8.18
N VAL A 265 5.41 2.69 7.60
CA VAL A 265 5.11 1.45 8.33
C VAL A 265 6.34 0.57 8.52
N THR A 266 7.53 1.10 8.26
CA THR A 266 8.77 0.31 8.34
C THR A 266 9.49 0.78 9.63
N PRO A 267 9.64 -0.09 10.63
CA PRO A 267 10.17 0.29 11.91
C PRO A 267 11.46 1.06 11.81
N GLU A 268 12.37 0.65 10.90
CA GLU A 268 13.67 1.32 10.77
C GLU A 268 13.52 2.76 10.27
N ARG A 269 12.54 3.00 9.39
CA ARG A 269 12.25 4.32 8.91
C ARG A 269 11.49 5.21 9.90
N ILE A 270 10.58 4.61 10.67
CA ILE A 270 9.93 5.30 11.76
C ILE A 270 10.98 5.89 12.69
N ALA A 271 11.97 5.07 13.03
CA ALA A 271 13.05 5.51 13.91
C ALA A 271 13.90 6.58 13.26
N GLU A 272 14.31 6.35 12.02
CA GLU A 272 15.09 7.33 11.25
C GLU A 272 14.45 8.69 11.19
N ASN A 273 13.14 8.70 10.90
CA ASN A 273 12.41 9.92 10.75
C ASN A 273 12.28 10.75 12.01
N PHE A 274 12.44 10.08 13.15
CA PHE A 274 12.41 10.76 14.45
C PHE A 274 13.77 11.40 14.80
N LYS A 275 14.85 11.01 14.13
CA LYS A 275 16.19 11.56 14.44
C LYS A 275 16.49 12.82 13.63
N VAL A 276 15.72 13.86 13.95
CA VAL A 276 15.74 15.13 13.25
C VAL A 276 15.83 16.34 14.23
N PHE A 277 16.15 16.06 15.51
CA PHE A 277 16.26 17.09 16.54
C PHE A 277 17.73 17.28 16.92
N ASP A 278 18.64 16.64 16.20
CA ASP A 278 20.08 16.59 16.48
C ASP A 278 20.88 17.33 15.41
N PHE A 279 20.20 18.13 14.56
CA PHE A 279 20.89 18.88 13.50
C PHE A 279 20.07 20.03 13.01
N GLU A 280 20.72 20.92 12.27
CA GLU A 280 20.11 22.13 11.81
C GLU A 280 20.48 22.43 10.38
N LEU A 281 19.48 22.73 9.54
CA LEU A 281 19.71 23.22 8.21
C LEU A 281 20.13 24.67 8.31
N SER A 282 21.10 25.08 7.48
CA SER A 282 21.57 26.47 7.51
C SER A 282 20.56 27.38 6.85
N SER A 283 20.74 28.68 7.05
CA SER A 283 19.95 29.69 6.35
CA SER A 283 19.94 29.68 6.34
C SER A 283 20.04 29.46 4.85
N GLN A 284 21.23 29.20 4.34
CA GLN A 284 21.39 28.98 2.89
C GLN A 284 20.66 27.69 2.45
N ASP A 285 20.74 26.64 3.28
CA ASP A 285 20.06 25.37 2.99
C ASP A 285 18.55 25.62 2.84
N MET A 286 18.00 26.42 3.75
CA MET A 286 16.54 26.73 3.73
C MET A 286 16.18 27.51 2.48
N THR A 287 16.97 28.54 2.18
CA THR A 287 16.76 29.32 0.97
C THR A 287 16.83 28.44 -0.28
N THR A 288 17.81 27.57 -0.33
CA THR A 288 17.98 26.64 -1.46
C THR A 288 16.78 25.69 -1.62
N LEU A 289 16.36 25.06 -0.52
CA LEU A 289 15.19 24.16 -0.60
C LEU A 289 13.92 24.88 -1.03
N LEU A 290 13.76 26.12 -0.56
CA LEU A 290 12.60 26.92 -0.97
C LEU A 290 12.60 27.23 -2.45
N SER A 291 13.79 27.40 -3.01
CA SER A 291 13.94 27.65 -4.44
C SER A 291 13.56 26.47 -5.35
N TYR A 292 13.38 25.28 -4.76
CA TYR A 292 13.00 24.11 -5.54
C TYR A 292 11.51 24.08 -5.86
N ASN A 293 10.77 25.04 -5.35
CA ASN A 293 9.34 25.09 -5.62
C ASN A 293 8.99 24.93 -7.06
N ARG A 294 7.99 24.11 -7.34
CA ARG A 294 7.52 23.94 -8.71
CA ARG A 294 7.53 23.94 -8.71
C ARG A 294 6.01 23.83 -8.82
N ASN A 295 5.30 24.27 -7.77
CA ASN A 295 3.84 24.17 -7.76
C ASN A 295 3.28 22.76 -8.09
N TRP A 296 3.99 21.75 -7.64
CA TRP A 296 3.63 20.35 -7.90
C TRP A 296 2.92 19.72 -6.68
N ARG A 297 1.68 19.28 -6.89
CA ARG A 297 0.88 18.59 -5.85
C ARG A 297 0.73 17.09 -6.06
N VAL A 298 1.03 16.35 -5.00
CA VAL A 298 0.65 14.96 -4.79
C VAL A 298 -0.87 14.86 -4.82
N CYS A 299 -1.53 15.75 -4.07
CA CYS A 299 -2.94 15.66 -3.82
C CYS A 299 -3.69 16.83 -4.40
N ALA A 300 -4.16 16.67 -5.64
CA ALA A 300 -4.83 17.77 -6.34
C ALA A 300 -6.32 17.55 -6.46
N LEU A 301 -6.84 16.44 -5.93
CA LEU A 301 -8.31 16.16 -5.89
C LEU A 301 -8.96 16.41 -7.26
N LEU A 302 -8.40 15.76 -8.27
CA LEU A 302 -8.74 16.06 -9.66
C LEU A 302 -10.13 15.70 -10.03
N SER A 303 -10.76 14.79 -9.30
CA SER A 303 -12.15 14.46 -9.56
C SER A 303 -13.13 15.57 -9.07
N CYS A 304 -12.62 16.62 -8.40
CA CYS A 304 -13.48 17.64 -7.83
C CYS A 304 -13.20 19.03 -8.40
N THR A 305 -12.56 19.12 -9.56
CA THR A 305 -12.19 20.44 -10.11
C THR A 305 -13.40 21.30 -10.49
N SER A 306 -14.58 20.70 -10.68
CA SER A 306 -15.85 21.44 -10.90
C SER A 306 -16.67 21.73 -9.66
N HIS A 307 -16.23 21.23 -8.51
CA HIS A 307 -16.96 21.42 -7.25
C HIS A 307 -16.88 22.89 -6.86
N LYS A 308 -17.98 23.44 -6.35
CA LYS A 308 -18.02 24.86 -5.93
C LYS A 308 -16.91 25.30 -4.94
N ASP A 309 -16.55 24.39 -4.06
CA ASP A 309 -15.51 24.56 -3.07
C ASP A 309 -14.18 23.93 -3.36
N TYR A 310 -13.89 23.60 -4.63
CA TYR A 310 -12.57 23.09 -4.94
C TYR A 310 -11.55 24.16 -4.50
N PRO A 311 -10.51 23.75 -3.76
CA PRO A 311 -9.61 24.72 -3.14
C PRO A 311 -8.50 25.26 -4.01
N PHE A 312 -8.13 24.58 -5.10
CA PHE A 312 -6.86 24.87 -5.76
C PHE A 312 -6.97 25.67 -7.07
N HIS A 313 -8.12 26.26 -7.36
CA HIS A 313 -8.16 27.26 -8.44
C HIS A 313 -7.51 28.57 -8.01
N GLU A 314 -7.74 28.99 -6.77
CA GLU A 314 -7.10 30.18 -6.21
C GLU A 314 -5.60 30.04 -6.16
N GLU A 315 -4.90 31.17 -6.28
CA GLU A 315 -3.45 31.16 -6.15
C GLU A 315 -3.02 30.50 -4.83
N PHE A 316 -3.65 30.89 -3.74
CA PHE A 316 -3.35 30.30 -2.44
C PHE A 316 -4.52 30.44 -1.51
N MET B 1 20.76 -27.01 -2.93
CA MET B 1 19.63 -26.15 -3.43
C MET B 1 19.95 -25.50 -4.79
N ALA B 2 19.47 -26.11 -5.85
CA ALA B 2 19.57 -25.55 -7.19
C ALA B 2 18.79 -24.22 -7.23
N SER B 3 19.29 -23.25 -8.00
CA SER B 3 18.67 -21.93 -8.03
C SER B 3 17.44 -21.90 -8.97
N ARG B 4 17.28 -22.96 -9.77
CA ARG B 4 16.23 -23.06 -10.77
C ARG B 4 15.57 -24.44 -10.79
N ILE B 5 14.33 -24.48 -11.27
CA ILE B 5 13.59 -25.72 -11.42
C ILE B 5 13.18 -25.93 -12.87
N LEU B 6 13.30 -27.16 -13.36
CA LEU B 6 12.91 -27.48 -14.72
C LEU B 6 11.41 -27.54 -14.89
N LEU B 7 10.89 -26.76 -15.85
CA LEU B 7 9.49 -26.86 -16.25
C LEU B 7 9.27 -27.87 -17.34
N ASN B 8 8.00 -28.23 -17.53
CA ASN B 8 7.65 -29.22 -18.55
C ASN B 8 7.69 -28.71 -20.01
N ASN B 9 8.02 -27.43 -20.20
CA ASN B 9 8.30 -26.86 -21.53
C ASN B 9 9.80 -26.87 -21.81
N GLY B 10 10.60 -27.35 -20.85
CA GLY B 10 12.06 -27.35 -21.01
C GLY B 10 12.84 -26.15 -20.52
N ALA B 11 12.15 -25.10 -20.09
CA ALA B 11 12.82 -23.93 -19.58
C ALA B 11 13.09 -24.09 -18.08
N LYS B 12 14.04 -23.33 -17.55
CA LYS B 12 14.41 -23.40 -16.14
C LYS B 12 13.88 -22.13 -15.47
N MET B 13 13.10 -22.32 -14.41
CA MET B 13 12.46 -21.20 -13.71
C MET B 13 13.20 -20.91 -12.43
N PRO B 14 13.64 -19.66 -12.22
CA PRO B 14 14.30 -19.39 -10.93
C PRO B 14 13.38 -19.64 -9.74
N ILE B 15 13.88 -20.33 -8.72
CA ILE B 15 13.04 -20.70 -7.57
C ILE B 15 12.71 -19.53 -6.65
N LEU B 16 13.46 -18.41 -6.73
CA LEU B 16 13.16 -17.20 -5.94
C LEU B 16 12.78 -16.10 -6.93
N GLY B 17 11.61 -15.49 -6.71
CA GLY B 17 11.23 -14.32 -7.46
C GLY B 17 10.75 -13.20 -6.60
N LEU B 18 10.61 -12.03 -7.19
CA LEU B 18 10.06 -10.88 -6.52
C LEU B 18 8.57 -10.70 -6.84
N GLY B 19 7.77 -10.68 -5.79
CA GLY B 19 6.34 -10.34 -5.90
C GLY B 19 6.14 -8.87 -6.07
N THR B 20 5.03 -8.52 -6.72
CA THR B 20 4.73 -7.11 -6.99
C THR B 20 3.26 -6.70 -6.71
N TRP B 21 2.48 -7.54 -6.06
CA TRP B 21 1.10 -7.14 -5.69
C TRP B 21 1.23 -6.16 -4.50
N LYS B 22 0.58 -5.03 -4.59
CA LYS B 22 0.64 -3.96 -3.61
C LYS B 22 1.95 -3.18 -3.64
N SER B 23 2.76 -3.32 -4.69
CA SER B 23 3.93 -2.45 -4.86
C SER B 23 3.47 -1.23 -5.61
N PRO B 24 3.40 -0.05 -4.95
CA PRO B 24 2.80 1.08 -5.63
C PRO B 24 3.65 1.53 -6.83
N PRO B 25 3.05 2.15 -7.83
CA PRO B 25 3.78 2.52 -9.05
C PRO B 25 5.03 3.32 -8.83
N GLY B 26 5.02 4.24 -7.87
CA GLY B 26 6.17 5.07 -7.55
C GLY B 26 7.30 4.44 -6.80
N GLN B 27 7.09 3.20 -6.36
CA GLN B 27 8.07 2.45 -5.59
C GLN B 27 8.54 1.19 -6.30
N VAL B 28 7.73 0.61 -7.18
CA VAL B 28 8.05 -0.71 -7.75
C VAL B 28 9.23 -0.62 -8.75
N THR B 29 9.46 0.52 -9.39
CA THR B 29 10.58 0.61 -10.35
C THR B 29 11.90 0.41 -9.59
N GLU B 30 12.04 1.16 -8.51
CA GLU B 30 13.25 0.98 -7.69
C GLU B 30 13.34 -0.41 -7.10
N ALA B 31 12.22 -0.96 -6.65
CA ALA B 31 12.20 -2.29 -6.08
C ALA B 31 12.78 -3.34 -7.07
N VAL B 32 12.29 -3.29 -8.32
CA VAL B 32 12.73 -4.27 -9.35
C VAL B 32 14.21 -4.04 -9.70
N LYS B 33 14.63 -2.77 -9.83
CA LYS B 33 16.04 -2.44 -10.07
C LYS B 33 16.92 -2.98 -8.96
N VAL B 34 16.52 -2.77 -7.70
CA VAL B 34 17.30 -3.33 -6.56
C VAL B 34 17.32 -4.84 -6.64
N ALA B 35 16.18 -5.45 -6.94
CA ALA B 35 16.09 -6.88 -6.96
C ALA B 35 17.02 -7.47 -8.02
N ILE B 36 17.02 -6.91 -9.22
CA ILE B 36 17.89 -7.37 -10.29
C ILE B 36 19.37 -7.19 -9.87
N ASP B 37 19.70 -6.06 -9.28
CA ASP B 37 21.09 -5.84 -8.81
C ASP B 37 21.53 -6.89 -7.78
N VAL B 38 20.61 -7.23 -6.88
CA VAL B 38 20.87 -8.16 -5.79
C VAL B 38 21.08 -9.56 -6.34
N GLY B 39 20.42 -9.90 -7.46
CA GLY B 39 20.50 -11.21 -8.04
C GLY B 39 19.20 -11.90 -8.39
N TYR B 40 18.05 -11.27 -8.13
CA TYR B 40 16.79 -11.89 -8.50
C TYR B 40 16.72 -11.93 -10.02
N ARG B 41 16.17 -13.04 -10.56
CA ARG B 41 16.07 -13.19 -11.98
C ARG B 41 14.65 -13.56 -12.41
N HIS B 42 13.72 -13.41 -11.46
CA HIS B 42 12.31 -13.77 -11.69
C HIS B 42 11.49 -12.69 -11.06
N ILE B 43 10.51 -12.16 -11.81
CA ILE B 43 9.62 -11.14 -11.30
C ILE B 43 8.21 -11.65 -11.56
N ASP B 44 7.38 -11.66 -10.51
CA ASP B 44 5.96 -12.02 -10.64
C ASP B 44 5.10 -10.77 -10.75
N CYS B 45 4.31 -10.66 -11.84
CA CYS B 45 3.55 -9.49 -12.23
C CYS B 45 2.12 -9.92 -12.52
N ALA B 46 1.29 -8.94 -12.66
CA ALA B 46 -0.10 -9.17 -13.07
C ALA B 46 -0.71 -7.88 -13.54
N HIS B 47 -1.57 -7.95 -14.53
CA HIS B 47 -2.27 -6.79 -14.96
C HIS B 47 -3.07 -6.09 -13.82
N VAL B 48 -3.70 -6.90 -12.98
CA VAL B 48 -4.54 -6.39 -11.90
C VAL B 48 -3.72 -5.65 -10.86
N TYR B 49 -2.40 -5.85 -10.79
CA TYR B 49 -1.57 -5.11 -9.86
C TYR B 49 -1.34 -3.63 -10.23
N GLN B 50 -1.67 -3.28 -11.47
CA GLN B 50 -1.76 -1.89 -11.87
CA GLN B 50 -1.72 -1.93 -12.00
C GLN B 50 -0.42 -1.17 -11.84
N ASN B 51 0.66 -1.91 -12.03
CA ASN B 51 2.00 -1.37 -11.94
C ASN B 51 2.96 -1.98 -13.00
N GLU B 52 2.41 -2.61 -14.03
CA GLU B 52 3.27 -3.34 -14.98
C GLU B 52 4.14 -2.35 -15.79
N ASN B 53 3.61 -1.12 -16.07
CA ASN B 53 4.37 -0.11 -16.79
C ASN B 53 5.68 0.17 -16.01
N GLU B 54 5.54 0.29 -14.69
CA GLU B 54 6.67 0.64 -13.86
C GLU B 54 7.62 -0.50 -13.65
N VAL B 55 7.11 -1.74 -13.64
CA VAL B 55 7.99 -2.91 -13.67
C VAL B 55 8.77 -2.91 -15.00
N GLY B 56 8.06 -2.63 -16.09
CA GLY B 56 8.68 -2.56 -17.46
C GLY B 56 9.83 -1.54 -17.53
N VAL B 57 9.63 -0.37 -16.93
CA VAL B 57 10.66 0.64 -16.93
C VAL B 57 11.91 0.10 -16.25
N ALA B 58 11.72 -0.58 -15.13
CA ALA B 58 12.88 -1.11 -14.38
C ALA B 58 13.63 -2.17 -15.14
N ILE B 59 12.91 -3.13 -15.70
CA ILE B 59 13.52 -4.18 -16.51
C ILE B 59 14.34 -3.56 -17.66
N GLN B 60 13.71 -2.65 -18.37
CA GLN B 60 14.37 -1.98 -19.49
C GLN B 60 15.63 -1.22 -19.07
N GLU B 61 15.60 -0.55 -17.92
CA GLU B 61 16.81 0.15 -17.47
CA GLU B 61 16.80 0.14 -17.41
C GLU B 61 17.94 -0.86 -17.23
N LYS B 62 17.63 -2.03 -16.65
CA LYS B 62 18.67 -3.02 -16.33
C LYS B 62 19.15 -3.73 -17.56
N LEU B 63 18.30 -3.88 -18.57
CA LEU B 63 18.75 -4.43 -19.85
C LEU B 63 19.71 -3.44 -20.54
N ARG B 64 19.33 -2.18 -20.54
CA ARG B 64 20.12 -1.15 -21.18
C ARG B 64 21.46 -0.94 -20.48
N GLU B 65 21.45 -1.07 -19.16
CA GLU B 65 22.70 -1.01 -18.36
C GLU B 65 23.55 -2.28 -18.53
N GLN B 66 23.00 -3.35 -19.14
CA GLN B 66 23.68 -4.59 -19.37
C GLN B 66 24.03 -5.31 -18.08
N VAL B 67 23.20 -5.11 -17.05
CA VAL B 67 23.31 -5.87 -15.82
C VAL B 67 22.84 -7.30 -16.07
N VAL B 68 21.82 -7.44 -16.90
CA VAL B 68 21.29 -8.74 -17.27
C VAL B 68 20.90 -8.70 -18.71
N LYS B 69 20.83 -9.89 -19.31
CA LYS B 69 20.24 -10.10 -20.63
C LYS B 69 18.82 -10.57 -20.47
N ARG B 70 18.02 -10.34 -21.49
CA ARG B 70 16.61 -10.72 -21.44
C ARG B 70 16.44 -12.23 -21.19
N GLU B 71 17.29 -13.02 -21.84
CA GLU B 71 17.26 -14.46 -21.69
C GLU B 71 17.58 -14.98 -20.29
N GLU B 72 18.21 -14.14 -19.46
CA GLU B 72 18.48 -14.45 -18.09
C GLU B 72 17.32 -14.15 -17.14
N LEU B 73 16.31 -13.44 -17.60
CA LEU B 73 15.19 -13.10 -16.75
C LEU B 73 14.02 -14.03 -17.04
N PHE B 74 13.23 -14.23 -16.00
CA PHE B 74 12.03 -15.04 -16.08
C PHE B 74 10.91 -14.13 -15.61
N ILE B 75 10.07 -13.68 -16.55
CA ILE B 75 9.02 -12.71 -16.23
C ILE B 75 7.66 -13.39 -16.36
N VAL B 76 6.88 -13.31 -15.28
CA VAL B 76 5.56 -13.91 -15.23
C VAL B 76 4.51 -12.85 -15.15
N SER B 77 3.42 -13.02 -15.89
CA SER B 77 2.22 -12.25 -15.66
C SER B 77 1.01 -13.15 -15.70
N LYS B 78 -0.17 -12.53 -15.58
CA LYS B 78 -1.40 -13.24 -15.36
C LYS B 78 -2.55 -12.55 -16.06
N LEU B 79 -3.40 -13.37 -16.62
CA LEU B 79 -4.66 -12.96 -17.29
C LEU B 79 -5.71 -12.68 -16.25
N TRP B 80 -6.24 -11.47 -16.20
CA TRP B 80 -7.22 -11.14 -15.18
C TRP B 80 -8.62 -11.72 -15.56
N CYS B 81 -9.44 -11.94 -14.53
CA CYS B 81 -10.70 -12.65 -14.63
C CYS B 81 -11.70 -12.03 -15.57
N THR B 82 -11.61 -10.72 -15.81
CA THR B 82 -12.52 -10.04 -16.73
C THR B 82 -12.12 -10.29 -18.21
N TYR B 83 -11.03 -11.04 -18.45
CA TYR B 83 -10.56 -11.36 -19.81
C TYR B 83 -10.60 -12.84 -20.15
N HIS B 84 -11.46 -13.60 -19.48
CA HIS B 84 -11.55 -15.04 -19.77
C HIS B 84 -12.21 -15.35 -21.10
N GLU B 85 -13.11 -14.47 -21.56
CA GLU B 85 -13.74 -14.70 -22.87
C GLU B 85 -12.65 -14.97 -23.91
N LYS B 86 -12.81 -16.06 -24.66
CA LYS B 86 -11.76 -16.56 -25.56
C LYS B 86 -11.18 -15.45 -26.47
N GLY B 87 -12.05 -14.59 -27.01
CA GLY B 87 -11.67 -13.49 -27.86
C GLY B 87 -10.92 -12.33 -27.24
N LEU B 88 -10.88 -12.24 -25.91
CA LEU B 88 -10.24 -11.15 -25.25
C LEU B 88 -8.86 -11.53 -24.72
N VAL B 89 -8.52 -12.81 -24.72
CA VAL B 89 -7.25 -13.26 -24.05
C VAL B 89 -6.02 -12.65 -24.75
N LYS B 90 -6.00 -12.66 -26.07
CA LYS B 90 -4.81 -12.18 -26.76
C LYS B 90 -4.58 -10.69 -26.50
N GLY B 91 -5.65 -9.88 -26.57
CA GLY B 91 -5.59 -8.46 -26.28
C GLY B 91 -5.05 -8.17 -24.87
N ALA B 92 -5.48 -8.97 -23.89
CA ALA B 92 -4.99 -8.80 -22.53
C ALA B 92 -3.52 -9.10 -22.47
N CYS B 93 -3.11 -10.16 -23.15
CA CYS B 93 -1.69 -10.55 -23.10
C CYS B 93 -0.83 -9.44 -23.75
N GLN B 94 -1.33 -8.93 -24.85
CA GLN B 94 -0.61 -7.86 -25.57
C GLN B 94 -0.53 -6.56 -24.79
N LYS B 95 -1.55 -6.26 -23.99
CA LYS B 95 -1.49 -5.06 -23.14
C LYS B 95 -0.43 -5.24 -22.07
N THR B 96 -0.43 -6.42 -21.49
CA THR B 96 0.65 -6.79 -20.54
C THR B 96 2.05 -6.68 -21.14
N LEU B 97 2.25 -7.27 -22.31
CA LEU B 97 3.56 -7.19 -22.99
C LEU B 97 3.98 -5.74 -23.29
N SER B 98 3.03 -4.93 -23.72
CA SER B 98 3.25 -3.49 -24.00
C SER B 98 3.65 -2.71 -22.74
N ASP B 99 2.93 -2.93 -21.62
CA ASP B 99 3.24 -2.28 -20.36
C ASP B 99 4.63 -2.74 -19.86
N LEU B 100 4.91 -4.03 -19.96
CA LEU B 100 6.20 -4.56 -19.49
C LEU B 100 7.32 -4.25 -20.48
N LYS B 101 6.96 -3.78 -21.68
CA LYS B 101 7.94 -3.45 -22.77
C LYS B 101 8.71 -4.67 -23.24
N LEU B 102 8.04 -5.83 -23.21
CA LEU B 102 8.64 -7.09 -23.60
C LEU B 102 8.04 -7.65 -24.89
N ASP B 103 8.85 -8.44 -25.61
CA ASP B 103 8.40 -9.17 -26.81
C ASP B 103 7.73 -10.51 -26.49
N TYR B 104 8.09 -11.07 -25.35
CA TYR B 104 7.51 -12.33 -24.85
C TYR B 104 7.48 -12.37 -23.32
N LEU B 105 6.58 -13.20 -22.78
CA LEU B 105 6.58 -13.60 -21.38
C LEU B 105 7.20 -15.00 -21.22
N ASP B 106 7.91 -15.21 -20.14
CA ASP B 106 8.32 -16.56 -19.79
C ASP B 106 7.22 -17.48 -19.32
N LEU B 107 6.19 -16.91 -18.74
CA LEU B 107 5.07 -17.67 -18.19
C LEU B 107 3.86 -16.75 -18.08
N TYR B 108 2.72 -17.22 -18.57
CA TYR B 108 1.50 -16.43 -18.46
C TYR B 108 0.44 -17.35 -17.83
N LEU B 109 -0.15 -16.88 -16.73
CA LEU B 109 -1.04 -17.68 -15.87
C LEU B 109 -2.47 -17.21 -15.99
N ILE B 110 -3.42 -18.16 -15.97
CA ILE B 110 -4.81 -17.81 -15.71
C ILE B 110 -4.87 -17.44 -14.22
N HIS B 111 -5.14 -16.18 -13.90
CA HIS B 111 -4.96 -15.66 -12.53
C HIS B 111 -5.87 -16.36 -11.50
N TRP B 112 -7.12 -16.57 -11.87
CA TRP B 112 -8.09 -17.32 -11.05
C TRP B 112 -8.99 -18.12 -12.02
N PRO B 113 -9.52 -19.24 -11.56
CA PRO B 113 -10.38 -20.03 -12.42
C PRO B 113 -11.74 -19.42 -12.72
N THR B 114 -12.08 -18.36 -12.00
CA THR B 114 -13.37 -17.71 -12.09
C THR B 114 -13.38 -16.59 -13.12
N GLY B 115 -14.21 -16.69 -14.15
CA GLY B 115 -14.39 -15.61 -15.12
C GLY B 115 -15.36 -14.57 -14.60
N PHE B 116 -15.03 -13.28 -14.80
CA PHE B 116 -15.87 -12.15 -14.38
C PHE B 116 -16.39 -11.45 -15.64
N LYS B 117 -17.54 -10.84 -15.53
CA LYS B 117 -18.07 -9.98 -16.59
C LYS B 117 -17.03 -8.98 -17.15
N PRO B 118 -16.79 -8.99 -18.48
CA PRO B 118 -15.88 -8.00 -19.09
C PRO B 118 -16.35 -6.56 -18.90
N GLY B 119 -15.38 -5.67 -18.79
CA GLY B 119 -15.68 -4.25 -18.67
C GLY B 119 -14.56 -3.55 -17.96
N LYS B 120 -14.83 -2.31 -17.57
CA LYS B 120 -13.79 -1.48 -16.96
C LYS B 120 -13.40 -1.94 -15.55
N GLU B 121 -14.35 -2.49 -14.80
CA GLU B 121 -14.16 -2.77 -13.37
C GLU B 121 -13.40 -4.08 -13.26
N PHE B 122 -12.35 -4.12 -12.44
CA PHE B 122 -11.70 -5.41 -12.17
C PHE B 122 -12.58 -6.40 -11.43
N PHE B 123 -13.40 -5.92 -10.48
CA PHE B 123 -14.25 -6.80 -9.68
C PHE B 123 -15.70 -6.27 -9.87
N PRO B 124 -16.33 -6.62 -10.99
CA PRO B 124 -17.73 -6.11 -11.17
C PRO B 124 -18.69 -6.78 -10.18
N LEU B 125 -19.35 -5.99 -9.33
CA LEU B 125 -20.19 -6.51 -8.25
C LEU B 125 -21.67 -6.35 -8.56
N ASP B 126 -22.49 -7.28 -8.08
CA ASP B 126 -23.98 -7.09 -8.04
C ASP B 126 -24.39 -6.38 -6.74
N GLU B 127 -25.69 -6.19 -6.56
CA GLU B 127 -26.23 -5.48 -5.38
C GLU B 127 -25.95 -6.23 -4.07
N SER B 128 -25.86 -7.56 -4.12
CA SER B 128 -25.48 -8.37 -2.95
C SER B 128 -23.97 -8.36 -2.56
N GLY B 129 -23.10 -7.74 -3.36
CA GLY B 129 -21.63 -7.78 -3.10
C GLY B 129 -20.88 -8.95 -3.78
N ASN B 130 -21.61 -9.78 -4.51
CA ASN B 130 -21.04 -10.92 -5.21
C ASN B 130 -20.60 -10.51 -6.61
N VAL B 131 -19.52 -11.11 -7.08
CA VAL B 131 -18.98 -10.74 -8.38
C VAL B 131 -19.96 -11.23 -9.45
N VAL B 132 -20.09 -10.43 -10.50
CA VAL B 132 -20.88 -10.80 -11.68
C VAL B 132 -20.00 -11.71 -12.58
N PRO B 133 -20.41 -12.97 -12.78
CA PRO B 133 -19.61 -13.87 -13.60
C PRO B 133 -19.78 -13.63 -15.07
N SER B 134 -18.83 -14.12 -15.83
CA SER B 134 -18.91 -14.19 -17.27
C SER B 134 -19.40 -15.58 -17.62
N ASP B 135 -20.11 -15.66 -18.73
CA ASP B 135 -20.59 -16.93 -19.27
C ASP B 135 -19.41 -17.57 -20.03
N THR B 136 -18.43 -18.04 -19.27
CA THR B 136 -17.17 -18.52 -19.83
C THR B 136 -16.81 -19.81 -19.15
N ASN B 137 -16.09 -20.65 -19.86
CA ASN B 137 -15.57 -21.82 -19.20
C ASN B 137 -14.06 -21.94 -19.32
N ILE B 138 -13.51 -22.61 -18.33
CA ILE B 138 -12.05 -22.74 -18.10
C ILE B 138 -11.36 -23.30 -19.33
N LEU B 139 -11.99 -24.30 -19.97
CA LEU B 139 -11.37 -24.99 -21.11
C LEU B 139 -11.24 -24.12 -22.34
N ASP B 140 -12.20 -23.24 -22.60
CA ASP B 140 -12.10 -22.33 -23.70
C ASP B 140 -11.04 -21.26 -23.44
N THR B 141 -10.98 -20.77 -22.21
CA THR B 141 -9.93 -19.82 -21.83
C THR B 141 -8.56 -20.48 -22.03
N TRP B 142 -8.46 -21.74 -21.66
CA TRP B 142 -7.20 -22.51 -21.84
C TRP B 142 -6.83 -22.60 -23.31
N ALA B 143 -7.80 -22.89 -24.17
CA ALA B 143 -7.48 -22.98 -25.60
C ALA B 143 -6.92 -21.66 -26.14
N ALA B 144 -7.48 -20.54 -25.66
CA ALA B 144 -7.00 -19.22 -26.02
C ALA B 144 -5.56 -19.00 -25.52
N MET B 145 -5.28 -19.44 -24.29
CA MET B 145 -3.92 -19.36 -23.75
C MET B 145 -2.94 -20.14 -24.65
N GLU B 146 -3.33 -21.34 -25.04
CA GLU B 146 -2.50 -22.17 -25.91
C GLU B 146 -2.12 -21.44 -27.23
N GLU B 147 -3.05 -20.67 -27.79
CA GLU B 147 -2.76 -19.84 -29.01
C GLU B 147 -1.61 -18.87 -28.78
N LEU B 148 -1.46 -18.37 -27.55
CA LEU B 148 -0.35 -17.49 -27.22
C LEU B 148 1.00 -18.15 -27.31
N VAL B 149 1.03 -19.43 -26.96
CA VAL B 149 2.24 -20.22 -27.05
C VAL B 149 2.54 -20.46 -28.53
N ASP B 150 1.54 -20.85 -29.31
CA ASP B 150 1.72 -21.09 -30.78
C ASP B 150 2.24 -19.83 -31.47
N GLU B 151 1.80 -18.65 -31.02
CA GLU B 151 2.28 -17.39 -31.61
C GLU B 151 3.60 -16.88 -31.11
N GLY B 152 4.18 -17.57 -30.12
CA GLY B 152 5.46 -17.19 -29.55
C GLY B 152 5.40 -16.02 -28.57
N LEU B 153 4.21 -15.58 -28.18
CA LEU B 153 4.08 -14.46 -27.23
C LEU B 153 4.43 -14.86 -25.80
N VAL B 154 4.20 -16.11 -25.46
CA VAL B 154 4.56 -16.63 -24.14
C VAL B 154 5.28 -17.97 -24.34
N LYS B 155 6.29 -18.22 -23.53
CA LYS B 155 7.03 -19.49 -23.60
C LYS B 155 6.37 -20.66 -22.88
N ALA B 156 5.57 -20.33 -21.86
CA ALA B 156 4.84 -21.32 -21.09
C ALA B 156 3.55 -20.71 -20.59
N ILE B 157 2.55 -21.57 -20.40
CA ILE B 157 1.29 -21.18 -19.80
C ILE B 157 1.01 -22.02 -18.56
N GLY B 158 0.27 -21.41 -17.62
CA GLY B 158 -0.11 -22.10 -16.42
C GLY B 158 -1.34 -21.48 -15.80
N ILE B 159 -1.56 -21.81 -14.53
CA ILE B 159 -2.78 -21.49 -13.81
C ILE B 159 -2.41 -21.03 -12.42
N SER B 160 -3.38 -20.45 -11.75
CA SER B 160 -3.17 -19.95 -10.40
C SER B 160 -4.48 -20.09 -9.65
N ASN B 161 -4.37 -20.50 -8.38
CA ASN B 161 -5.60 -20.74 -7.58
C ASN B 161 -6.56 -21.77 -8.13
N PHE B 162 -6.05 -22.77 -8.85
CA PHE B 162 -6.89 -23.84 -9.38
C PHE B 162 -6.81 -24.99 -8.40
N ASN B 163 -7.94 -25.60 -8.12
CA ASN B 163 -7.96 -26.85 -7.31
C ASN B 163 -7.62 -28.06 -8.20
N HIS B 164 -7.39 -29.20 -7.59
CA HIS B 164 -6.95 -30.39 -8.35
C HIS B 164 -7.95 -30.86 -9.41
N LEU B 165 -9.23 -30.74 -9.13
CA LEU B 165 -10.23 -31.09 -10.14
C LEU B 165 -10.13 -30.16 -11.37
N GLN B 166 -9.86 -28.89 -11.12
CA GLN B 166 -9.78 -27.92 -12.19
C GLN B 166 -8.50 -28.14 -13.01
N VAL B 167 -7.41 -28.49 -12.36
CA VAL B 167 -6.21 -28.86 -13.08
C VAL B 167 -6.50 -30.11 -13.91
N GLU B 168 -7.18 -31.09 -13.29
CA GLU B 168 -7.55 -32.33 -14.01
C GLU B 168 -8.40 -32.06 -15.24
N MET B 169 -9.33 -31.11 -15.13
CA MET B 169 -10.15 -30.73 -16.28
C MET B 169 -9.30 -30.29 -17.48
N ILE B 170 -8.22 -29.55 -17.25
CA ILE B 170 -7.30 -29.13 -18.30
C ILE B 170 -6.51 -30.35 -18.79
N LEU B 171 -5.93 -31.11 -17.85
CA LEU B 171 -5.08 -32.23 -18.25
C LEU B 171 -5.89 -33.23 -19.10
N ASN B 172 -7.18 -33.37 -18.84
CA ASN B 172 -8.04 -34.29 -19.60
C ASN B 172 -8.85 -33.67 -20.73
N LYS B 173 -8.51 -32.43 -21.09
CA LYS B 173 -9.24 -31.70 -22.13
C LYS B 173 -9.03 -32.38 -23.49
N PRO B 174 -10.13 -32.65 -24.22
CA PRO B 174 -9.99 -33.10 -25.60
C PRO B 174 -9.28 -32.07 -26.49
N GLY B 175 -8.23 -32.54 -27.16
CA GLY B 175 -7.50 -31.72 -28.06
C GLY B 175 -6.51 -30.81 -27.34
N LEU B 176 -6.21 -31.09 -26.07
CA LEU B 176 -5.16 -30.38 -25.31
C LEU B 176 -3.87 -30.26 -26.14
N LYS B 177 -3.29 -29.05 -26.22
CA LYS B 177 -2.02 -28.83 -26.89
C LYS B 177 -0.85 -28.67 -25.93
N TYR B 178 -1.05 -27.93 -24.83
CA TYR B 178 0.02 -27.64 -23.89
C TYR B 178 -0.52 -27.86 -22.47
N LYS B 179 0.22 -28.62 -21.67
CA LYS B 179 -0.13 -28.83 -20.28
C LYS B 179 0.25 -27.55 -19.53
N PRO B 180 -0.46 -27.28 -18.41
CA PRO B 180 0.05 -26.21 -17.58
C PRO B 180 1.46 -26.52 -17.01
N ALA B 181 2.32 -25.53 -17.04
CA ALA B 181 3.66 -25.66 -16.52
C ALA B 181 3.73 -25.45 -15.02
N VAL B 182 2.84 -24.59 -14.51
CA VAL B 182 2.86 -24.05 -13.15
C VAL B 182 1.45 -23.91 -12.65
N ASN B 183 1.26 -24.23 -11.38
CA ASN B 183 0.09 -23.79 -10.60
C ASN B 183 0.64 -22.91 -9.42
N GLN B 184 0.30 -21.63 -9.47
CA GLN B 184 0.69 -20.70 -8.45
C GLN B 184 -0.42 -20.61 -7.38
N ILE B 185 -0.07 -20.97 -6.15
CA ILE B 185 -1.08 -21.06 -5.06
C ILE B 185 -0.55 -20.46 -3.81
N GLU B 186 -1.46 -20.04 -2.94
CA GLU B 186 -1.08 -19.58 -1.66
C GLU B 186 -0.42 -20.70 -0.86
N CYS B 187 0.71 -20.42 -0.23
CA CYS B 187 1.37 -21.48 0.53
C CYS B 187 2.33 -20.91 1.57
N HIS B 188 2.16 -21.34 2.83
CA HIS B 188 3.02 -20.87 3.95
C HIS B 188 2.72 -21.82 5.14
N PRO B 189 3.39 -21.64 6.30
CA PRO B 189 3.12 -22.59 7.41
C PRO B 189 1.70 -22.69 7.94
N TYR B 190 0.85 -21.70 7.67
CA TYR B 190 -0.55 -21.77 8.05
C TYR B 190 -1.49 -22.31 7.00
N LEU B 191 -0.96 -22.61 5.81
CA LEU B 191 -1.74 -23.16 4.70
C LEU B 191 -0.72 -23.97 3.89
N THR B 192 -0.47 -25.17 4.37
CA THR B 192 0.71 -25.91 3.87
C THR B 192 0.47 -26.67 2.55
N GLN B 193 -0.77 -26.85 2.13
CA GLN B 193 -1.11 -27.28 0.78
C GLN B 193 -0.56 -28.67 0.44
N GLU B 194 -0.45 -29.58 1.40
CA GLU B 194 0.25 -30.85 1.16
C GLU B 194 -0.39 -31.67 0.05
N LYS B 195 -1.72 -31.77 0.05
CA LYS B 195 -2.37 -32.57 -0.92
C LYS B 195 -2.26 -31.99 -2.34
N LEU B 196 -2.44 -30.68 -2.47
CA LEU B 196 -2.39 -30.04 -3.80
C LEU B 196 -0.99 -30.07 -4.37
N ILE B 197 -0.01 -29.83 -3.51
CA ILE B 197 1.39 -29.95 -3.90
C ILE B 197 1.73 -31.37 -4.37
N GLN B 198 1.35 -32.36 -3.58
CA GLN B 198 1.53 -33.76 -4.00
C GLN B 198 0.91 -34.02 -5.35
N TYR B 199 -0.34 -33.58 -5.57
CA TYR B 199 -0.98 -33.78 -6.81
C TYR B 199 -0.23 -33.13 -7.98
N CYS B 200 0.06 -31.84 -7.82
CA CYS B 200 0.71 -31.08 -8.87
C CYS B 200 2.05 -31.67 -9.25
N GLN B 201 2.87 -31.95 -8.24
CA GLN B 201 4.21 -32.47 -8.49
C GLN B 201 4.15 -33.85 -9.14
N SER B 202 3.16 -34.67 -8.75
CA SER B 202 2.91 -35.97 -9.43
C SER B 202 2.61 -35.84 -10.94
N LYS B 203 2.04 -34.71 -11.37
CA LYS B 203 1.73 -34.44 -12.76
C LYS B 203 2.82 -33.66 -13.53
N GLY B 204 3.96 -33.40 -12.90
CA GLY B 204 5.03 -32.61 -13.49
C GLY B 204 4.75 -31.12 -13.55
N ILE B 205 3.80 -30.64 -12.72
CA ILE B 205 3.44 -29.21 -12.66
C ILE B 205 4.21 -28.62 -11.51
N VAL B 206 4.95 -27.53 -11.76
CA VAL B 206 5.69 -26.83 -10.69
C VAL B 206 4.74 -25.92 -9.92
N VAL B 207 4.86 -25.96 -8.61
CA VAL B 207 4.09 -25.10 -7.74
C VAL B 207 4.88 -23.86 -7.34
N THR B 208 4.23 -22.69 -7.50
CA THR B 208 4.75 -21.45 -6.96
C THR B 208 3.96 -21.06 -5.73
N ALA B 209 4.67 -20.80 -4.64
CA ALA B 209 4.09 -20.42 -3.34
C ALA B 209 3.99 -18.89 -3.26
N TYR B 210 2.76 -18.41 -3.29
CA TYR B 210 2.49 -16.99 -3.01
C TYR B 210 2.14 -16.70 -1.55
N SER B 211 2.25 -15.41 -1.19
CA SER B 211 2.07 -14.91 0.17
C SER B 211 2.85 -15.75 1.18
N PRO B 212 4.14 -15.97 0.90
CA PRO B 212 4.91 -16.79 1.80
C PRO B 212 5.16 -16.20 3.19
N LEU B 213 5.07 -14.88 3.31
CA LEU B 213 5.16 -14.21 4.61
C LEU B 213 3.80 -13.97 5.23
N GLY B 214 2.73 -14.49 4.64
CA GLY B 214 1.42 -14.20 5.14
C GLY B 214 0.81 -12.88 4.77
N SER B 215 1.37 -12.19 3.77
CA SER B 215 0.82 -10.98 3.23
C SER B 215 0.37 -9.99 4.33
N PRO B 216 1.31 -9.55 5.17
CA PRO B 216 0.89 -8.62 6.23
C PRO B 216 0.32 -7.26 5.77
N ASP B 217 0.56 -6.89 4.50
CA ASP B 217 0.02 -5.66 3.91
C ASP B 217 -1.28 -5.87 3.21
N ARG B 218 -1.83 -7.09 3.23
CA ARG B 218 -3.13 -7.32 2.54
C ARG B 218 -4.18 -6.31 3.12
N PRO B 219 -4.99 -5.69 2.26
CA PRO B 219 -5.88 -4.58 2.67
C PRO B 219 -7.00 -5.00 3.64
N TRP B 220 -7.33 -6.26 3.70
CA TRP B 220 -8.42 -6.78 4.54
C TRP B 220 -7.95 -7.45 5.82
N ALA B 221 -6.67 -7.32 6.17
CA ALA B 221 -6.21 -7.90 7.40
C ALA B 221 -7.01 -7.37 8.62
N LYS B 222 -7.27 -8.28 9.55
CA LYS B 222 -8.00 -7.98 10.79
C LYS B 222 -7.12 -8.24 12.02
N PRO B 223 -7.34 -7.51 13.13
CA PRO B 223 -6.44 -7.73 14.26
C PRO B 223 -6.43 -9.14 14.82
N GLU B 224 -7.54 -9.86 14.65
CA GLU B 224 -7.64 -11.23 15.16
C GLU B 224 -6.81 -12.20 14.31
N ASP B 225 -6.39 -11.80 13.10
CA ASP B 225 -5.80 -12.79 12.17
C ASP B 225 -4.44 -13.23 12.70
N PRO B 226 -4.01 -14.44 12.34
CA PRO B 226 -2.66 -14.81 12.73
C PRO B 226 -1.60 -14.10 11.91
N SER B 227 -0.41 -13.99 12.47
CA SER B 227 0.66 -13.29 11.86
C SER B 227 1.90 -14.15 11.86
N LEU B 228 2.29 -14.67 10.69
CA LEU B 228 3.48 -15.49 10.60
C LEU B 228 4.75 -14.81 11.06
N LEU B 229 4.91 -13.55 10.68
CA LEU B 229 6.11 -12.85 11.02
C LEU B 229 6.26 -12.58 12.52
N GLU B 230 5.14 -12.57 13.23
CA GLU B 230 5.12 -12.39 14.69
C GLU B 230 5.03 -13.70 15.46
N ASP B 231 5.03 -14.84 14.77
CA ASP B 231 4.84 -16.16 15.43
C ASP B 231 6.12 -16.51 16.22
N PRO B 232 6.05 -16.58 17.57
CA PRO B 232 7.29 -16.82 18.33
C PRO B 232 7.97 -18.17 18.04
N ARG B 233 7.20 -19.12 17.53
CA ARG B 233 7.72 -20.44 17.22
C ARG B 233 8.60 -20.38 15.99
N ILE B 234 8.19 -19.58 15.02
CA ILE B 234 8.94 -19.43 13.79
C ILE B 234 10.15 -18.51 14.05
N LYS B 235 9.99 -17.49 14.89
CA LYS B 235 11.12 -16.65 15.29
C LYS B 235 12.22 -17.50 15.98
N ALA B 236 11.79 -18.50 16.74
CA ALA B 236 12.76 -19.37 17.47
C ALA B 236 13.57 -20.21 16.48
N ILE B 237 12.94 -20.64 15.39
CA ILE B 237 13.63 -21.35 14.32
C ILE B 237 14.64 -20.42 13.64
N ALA B 238 14.19 -19.19 13.35
CA ALA B 238 15.05 -18.18 12.78
C ALA B 238 16.29 -17.92 13.67
N ALA B 239 16.05 -17.71 14.98
CA ALA B 239 17.14 -17.47 15.96
C ALA B 239 18.15 -18.60 16.01
N LYS B 240 17.67 -19.83 15.96
CA LYS B 240 18.55 -21.01 15.87
C LYS B 240 19.48 -20.95 14.65
N HIS B 241 19.02 -20.40 13.52
CA HIS B 241 19.83 -20.30 12.29
C HIS B 241 20.48 -18.94 12.04
N ASN B 242 20.40 -18.04 13.03
CA ASN B 242 20.95 -16.69 12.92
C ASN B 242 20.45 -16.02 11.63
N LYS B 243 19.15 -16.18 11.40
CA LYS B 243 18.45 -15.68 10.20
C LYS B 243 17.19 -14.99 10.67
N THR B 244 16.56 -14.23 9.78
CA THR B 244 15.30 -13.60 10.14
C THR B 244 14.14 -14.56 9.90
N THR B 245 13.02 -14.20 10.53
CA THR B 245 11.82 -14.93 10.36
C THR B 245 11.37 -14.98 8.86
N ALA B 246 11.51 -13.84 8.18
CA ALA B 246 11.21 -13.81 6.76
C ALA B 246 12.09 -14.77 5.97
N GLN B 247 13.37 -14.85 6.33
CA GLN B 247 14.26 -15.75 5.64
C GLN B 247 13.92 -17.24 5.85
N VAL B 248 13.49 -17.61 7.05
CA VAL B 248 12.97 -18.96 7.33
C VAL B 248 11.72 -19.22 6.49
N LEU B 249 10.82 -18.24 6.45
CA LEU B 249 9.59 -18.40 5.67
C LEU B 249 9.82 -18.54 4.17
N ILE B 250 10.88 -17.92 3.64
CA ILE B 250 11.23 -18.03 2.23
C ILE B 250 11.94 -19.39 1.94
N ARG B 251 12.86 -19.78 2.83
CA ARG B 251 13.56 -21.05 2.67
C ARG B 251 12.65 -22.28 2.74
N PHE B 252 11.61 -22.21 3.56
CA PHE B 252 10.65 -23.31 3.81
C PHE B 252 10.09 -23.88 2.50
N PRO B 253 9.41 -23.05 1.69
CA PRO B 253 8.96 -23.60 0.40
C PRO B 253 10.09 -24.05 -0.53
N MET B 254 11.26 -23.44 -0.45
CA MET B 254 12.33 -23.83 -1.35
C MET B 254 12.72 -25.29 -1.09
N GLN B 255 12.72 -25.70 0.17
CA GLN B 255 13.05 -27.12 0.51
C GLN B 255 11.94 -28.13 0.25
N ARG B 256 10.74 -27.67 -0.16
CA ARG B 256 9.67 -28.51 -0.66
C ARG B 256 9.60 -28.57 -2.19
N ASN B 257 10.69 -28.11 -2.83
CA ASN B 257 10.78 -28.03 -4.29
C ASN B 257 9.74 -27.13 -4.91
N LEU B 258 9.44 -26.03 -4.24
CA LEU B 258 8.50 -25.01 -4.72
C LEU B 258 9.31 -23.77 -5.15
N VAL B 259 8.71 -22.99 -6.03
CA VAL B 259 9.14 -21.64 -6.31
C VAL B 259 8.46 -20.75 -5.27
N VAL B 260 9.09 -19.63 -4.93
CA VAL B 260 8.54 -18.73 -3.93
C VAL B 260 8.78 -17.31 -4.37
N ILE B 261 7.78 -16.44 -4.11
CA ILE B 261 7.78 -15.10 -4.63
C ILE B 261 7.44 -14.04 -3.58
N PRO B 262 8.28 -13.89 -2.54
CA PRO B 262 8.06 -12.85 -1.55
C PRO B 262 8.09 -11.43 -2.14
N LYS B 263 7.18 -10.58 -1.66
CA LYS B 263 7.09 -9.21 -2.19
C LYS B 263 7.72 -8.25 -1.22
N SER B 264 8.49 -7.31 -1.76
CA SER B 264 8.86 -6.11 -1.03
C SER B 264 9.15 -4.98 -1.94
N VAL B 265 8.91 -3.77 -1.46
CA VAL B 265 9.40 -2.55 -2.10
C VAL B 265 10.44 -1.82 -1.23
N THR B 266 10.94 -2.49 -0.17
CA THR B 266 11.93 -1.90 0.71
C THR B 266 13.30 -2.48 0.33
N PRO B 267 14.23 -1.66 -0.17
CA PRO B 267 15.49 -2.23 -0.68
C PRO B 267 16.23 -3.15 0.30
N GLU B 268 16.25 -2.80 1.59
CA GLU B 268 16.96 -3.62 2.60
C GLU B 268 16.30 -5.01 2.75
N ARG B 269 14.97 -5.05 2.63
CA ARG B 269 14.22 -6.29 2.71
C ARG B 269 14.32 -7.11 1.43
N ILE B 270 14.35 -6.45 0.28
CA ILE B 270 14.60 -7.15 -0.97
C ILE B 270 15.92 -7.92 -0.93
N ALA B 271 16.97 -7.25 -0.45
CA ALA B 271 18.26 -7.88 -0.24
C ALA B 271 18.24 -9.01 0.82
N GLU B 272 17.65 -8.75 1.98
CA GLU B 272 17.47 -9.78 3.01
C GLU B 272 16.77 -11.04 2.53
N ASN B 273 15.70 -10.85 1.75
CA ASN B 273 14.92 -11.96 1.27
C ASN B 273 15.66 -12.85 0.29
N PHE B 274 16.71 -12.29 -0.32
CA PHE B 274 17.54 -13.01 -1.27
C PHE B 274 18.62 -13.87 -0.58
N LYS B 275 18.94 -13.55 0.66
CA LYS B 275 20.03 -14.25 1.39
C LYS B 275 19.49 -15.52 2.07
N VAL B 276 19.07 -16.47 1.22
CA VAL B 276 18.44 -17.70 1.66
C VAL B 276 19.09 -18.94 1.05
N PHE B 277 20.26 -18.77 0.45
CA PHE B 277 20.97 -19.88 -0.19
C PHE B 277 22.20 -20.31 0.62
N ASP B 278 22.33 -19.82 1.84
CA ASP B 278 23.52 -20.04 2.69
C ASP B 278 23.17 -20.75 4.02
N PHE B 279 21.95 -21.29 4.11
CA PHE B 279 21.55 -22.06 5.28
C PHE B 279 20.52 -23.07 4.87
N GLU B 280 20.32 -24.05 5.75
CA GLU B 280 19.39 -25.13 5.50
C GLU B 280 18.54 -25.37 6.74
N LEU B 281 17.23 -25.48 6.53
CA LEU B 281 16.34 -25.90 7.60
C LEU B 281 16.50 -27.39 7.76
N SER B 282 16.51 -27.83 9.02
CA SER B 282 16.68 -29.27 9.31
C SER B 282 15.40 -30.01 8.98
N SER B 283 15.53 -31.33 8.84
CA SER B 283 14.36 -32.17 8.69
C SER B 283 13.29 -31.92 9.81
N GLN B 284 13.70 -31.76 11.08
CA GLN B 284 12.76 -31.45 12.19
CA GLN B 284 12.72 -31.49 12.14
C GLN B 284 12.13 -30.08 12.00
N ASP B 285 12.95 -29.11 11.60
CA ASP B 285 12.43 -27.73 11.33
C ASP B 285 11.30 -27.80 10.32
N MET B 286 11.53 -28.55 9.23
CA MET B 286 10.52 -28.70 8.15
C MET B 286 9.24 -29.38 8.66
N THR B 287 9.40 -30.47 9.38
CA THR B 287 8.26 -31.10 10.03
C THR B 287 7.52 -30.17 10.98
N THR B 288 8.26 -29.42 11.78
CA THR B 288 7.67 -28.48 12.74
C THR B 288 6.89 -27.39 12.00
N LEU B 289 7.50 -26.77 10.99
CA LEU B 289 6.77 -25.75 10.22
C LEU B 289 5.53 -26.31 9.58
N LEU B 290 5.60 -27.53 9.02
CA LEU B 290 4.42 -28.14 8.42
C LEU B 290 3.29 -28.35 9.43
N SER B 291 3.67 -28.63 10.68
CA SER B 291 2.66 -28.85 11.72
C SER B 291 1.88 -27.61 12.13
N TYR B 292 2.35 -26.42 11.71
CA TYR B 292 1.62 -25.18 12.00
C TYR B 292 0.41 -24.95 11.12
N ASN B 293 0.18 -25.84 10.16
CA ASN B 293 -0.96 -25.69 9.30
C ASN B 293 -2.26 -25.44 10.02
N ARG B 294 -3.03 -24.47 9.53
CA ARG B 294 -4.34 -24.19 10.12
CA ARG B 294 -4.35 -24.18 10.12
C ARG B 294 -5.41 -23.89 9.09
N ASN B 295 -5.16 -24.27 7.82
CA ASN B 295 -6.12 -24.04 6.77
C ASN B 295 -6.55 -22.55 6.63
N TRP B 296 -5.62 -21.64 6.88
CA TRP B 296 -5.89 -20.18 6.89
C TRP B 296 -5.39 -19.54 5.59
N ARG B 297 -6.31 -18.96 4.82
CA ARG B 297 -5.97 -18.26 3.57
C ARG B 297 -6.03 -16.74 3.71
N VAL B 298 -4.97 -16.08 3.27
CA VAL B 298 -4.91 -14.65 2.90
C VAL B 298 -5.94 -14.37 1.79
N CYS B 299 -5.94 -15.21 0.76
CA CYS B 299 -6.68 -14.90 -0.43
C CYS B 299 -7.77 -15.94 -0.66
N ALA B 300 -8.96 -15.67 -0.16
CA ALA B 300 -10.07 -16.66 -0.24
C ALA B 300 -11.14 -16.28 -1.23
N LEU B 301 -10.97 -15.15 -1.92
CA LEU B 301 -11.86 -14.70 -2.98
C LEU B 301 -13.32 -14.74 -2.53
N LEU B 302 -13.60 -14.08 -1.40
CA LEU B 302 -14.86 -14.33 -0.71
C LEU B 302 -16.07 -13.79 -1.46
N SER B 303 -15.83 -12.86 -2.35
CA SER B 303 -16.91 -12.34 -3.19
C SER B 303 -17.36 -13.33 -4.29
N CYS B 304 -16.68 -14.46 -4.45
CA CYS B 304 -16.97 -15.40 -5.55
C CYS B 304 -17.35 -16.77 -5.04
N THR B 305 -17.78 -16.86 -3.78
CA THR B 305 -18.09 -18.18 -3.22
C THR B 305 -19.31 -18.85 -3.89
N SER B 306 -20.18 -18.10 -4.59
CA SER B 306 -21.26 -18.69 -5.39
C SER B 306 -20.93 -18.91 -6.85
N HIS B 307 -19.72 -18.53 -7.28
CA HIS B 307 -19.32 -18.73 -8.67
C HIS B 307 -19.18 -20.23 -8.96
N LYS B 308 -19.66 -20.67 -10.11
CA LYS B 308 -19.56 -22.09 -10.49
C LYS B 308 -18.14 -22.69 -10.40
N ASP B 309 -17.15 -21.87 -10.70
CA ASP B 309 -15.74 -22.23 -10.62
C ASP B 309 -14.97 -21.73 -9.42
N TYR B 310 -15.65 -21.38 -8.32
CA TYR B 310 -14.92 -21.07 -7.09
C TYR B 310 -14.03 -22.24 -6.73
N PRO B 311 -12.73 -21.99 -6.45
CA PRO B 311 -11.83 -23.14 -6.28
C PRO B 311 -11.79 -23.77 -4.91
N PHE B 312 -12.24 -23.09 -3.85
CA PHE B 312 -11.92 -23.48 -2.47
C PHE B 312 -13.06 -24.18 -1.71
N HIS B 313 -14.13 -24.58 -2.37
CA HIS B 313 -15.06 -25.54 -1.74
C HIS B 313 -14.45 -26.95 -1.64
N GLU B 314 -13.72 -27.37 -2.66
CA GLU B 314 -13.07 -28.66 -2.67
C GLU B 314 -12.01 -28.72 -1.59
N GLU B 315 -11.79 -29.90 -1.06
CA GLU B 315 -10.69 -30.07 -0.08
C GLU B 315 -9.36 -29.55 -0.61
N PHE B 316 -9.02 -29.92 -1.84
CA PHE B 316 -7.78 -29.45 -2.46
C PHE B 316 -7.92 -29.48 -3.97
#